data_7ZTI
#
_entry.id   7ZTI
#
_cell.length_a   105.443
_cell.length_b   105.443
_cell.length_c   105.443
_cell.angle_alpha   90.000
_cell.angle_beta   90.000
_cell.angle_gamma   90.000
#
_symmetry.space_group_name_H-M   'P 21 3'
#
loop_
_entity.id
_entity.type
_entity.pdbx_description
1 polymer 'Cytochrome c'
2 non-polymer 'ZINC ION'
3 non-polymer 'HEME C'
4 non-polymer 'CARBON MONOXIDE'
5 non-polymer GLYCEROL
6 water water
#
_entity_poly.entity_id   1
_entity_poly.type   'polypeptide(L)'
_entity_poly.pdbx_seq_one_letter_code
;MNKPSFLLVGLLVVSGVLGAAETKVKYPDGFRSWYHVKSMVIQPGHPLENPFGGIHHVYANAEAIQGLRGGNYPDGAVLV
VDLFDYQEDNHALVEGKRKLIGVMERDAKRFSATGGWGYEGFGEGKPDKRLVTDGGQGCFGCHAAQKESQYVFSRLRD
;
_entity_poly.pdbx_strand_id   A,B
#
loop_
_chem_comp.id
_chem_comp.type
_chem_comp.name
_chem_comp.formula
CMO non-polymer 'CARBON MONOXIDE' 'C O'
GOL non-polymer GLYCEROL 'C3 H8 O3'
HEC non-polymer 'HEME C' 'C34 H34 Fe N4 O4'
ZN non-polymer 'ZINC ION' 'Zn 2'
#
# COMPACT_ATOMS: atom_id res chain seq x y z
N THR A 23 4.98 25.37 -15.01
CA THR A 23 5.09 25.73 -13.56
C THR A 23 3.97 25.05 -12.73
N LYS A 24 3.05 24.27 -13.33
CA LYS A 24 2.01 23.50 -12.57
C LYS A 24 2.51 22.06 -12.40
N VAL A 25 2.17 21.40 -11.28
CA VAL A 25 2.41 19.95 -11.06
C VAL A 25 1.40 19.21 -11.91
N LYS A 26 1.82 18.24 -12.73
CA LYS A 26 0.88 17.38 -13.52
C LYS A 26 0.09 16.47 -12.56
N TYR A 27 -1.18 16.19 -12.83
CA TYR A 27 -1.94 15.16 -12.09
C TYR A 27 -1.27 13.83 -12.39
N PRO A 28 -0.88 13.02 -11.39
CA PRO A 28 -0.10 11.82 -11.68
C PRO A 28 -1.00 10.66 -12.14
N ASP A 29 -1.50 10.69 -13.38
CA ASP A 29 -2.37 9.64 -13.97
C ASP A 29 -1.71 8.29 -13.71
N GLY A 30 -2.49 7.35 -13.21
CA GLY A 30 -2.07 5.95 -13.04
C GLY A 30 -1.24 5.71 -11.78
N PHE A 31 -1.14 6.69 -10.86
CA PHE A 31 -0.26 6.57 -9.66
C PHE A 31 -0.65 5.32 -8.85
N ARG A 32 -1.90 4.88 -8.94
CA ARG A 32 -2.43 3.71 -8.19
C ARG A 32 -1.73 2.42 -8.63
N SER A 33 -1.08 2.43 -9.79
CA SER A 33 -0.35 1.24 -10.35
CA SER A 33 -0.34 1.25 -10.35
C SER A 33 1.13 1.32 -9.95
N TRP A 34 1.52 2.40 -9.30
CA TRP A 34 2.95 2.63 -9.00
C TRP A 34 3.35 1.77 -7.80
N TYR A 35 4.64 1.81 -7.47
CA TYR A 35 5.23 1.09 -6.32
C TYR A 35 4.66 1.72 -5.05
N HIS A 36 4.10 0.89 -4.18
CA HIS A 36 3.63 1.25 -2.82
C HIS A 36 4.84 1.28 -1.88
N VAL A 37 5.23 2.46 -1.43
CA VAL A 37 6.45 2.71 -0.62
C VAL A 37 6.17 2.37 0.84
N LYS A 38 5.13 2.98 1.41
CA LYS A 38 4.80 2.85 2.85
C LYS A 38 3.38 3.33 3.07
N SER A 39 2.91 3.09 4.30
CA SER A 39 1.60 3.54 4.84
C SER A 39 1.84 3.97 6.29
N MET A 40 0.94 4.79 6.79
CA MET A 40 0.85 5.23 8.20
C MET A 40 -0.62 5.62 8.50
N VAL A 41 -1.05 5.48 9.76
CA VAL A 41 -2.37 6.01 10.21
C VAL A 41 -2.09 7.18 11.13
N ILE A 42 -2.74 8.30 10.84
CA ILE A 42 -2.79 9.47 11.76
C ILE A 42 -4.21 9.54 12.31
N GLN A 43 -4.33 9.46 13.62
CA GLN A 43 -5.61 9.38 14.36
C GLN A 43 -5.88 10.66 15.12
N PRO A 44 -7.14 10.84 15.59
CA PRO A 44 -7.51 12.02 16.37
C PRO A 44 -6.57 12.20 17.58
N GLY A 45 -6.16 13.44 17.82
CA GLY A 45 -5.17 13.78 18.86
C GLY A 45 -3.84 14.15 18.24
N HIS A 46 -3.48 13.57 17.10
CA HIS A 46 -2.18 13.81 16.44
C HIS A 46 -2.13 15.30 16.15
N PRO A 47 -0.99 15.98 16.35
CA PRO A 47 -0.92 17.41 16.03
C PRO A 47 -1.27 17.72 14.56
N LEU A 48 -1.10 16.77 13.64
CA LEU A 48 -1.37 16.98 12.19
C LEU A 48 -2.73 16.39 11.80
N GLU A 49 -3.62 16.21 12.77
CA GLU A 49 -4.93 15.56 12.54
C GLU A 49 -5.73 16.37 11.52
N ASN A 50 -5.70 17.71 11.60
CA ASN A 50 -6.16 18.62 10.52
C ASN A 50 -4.90 19.11 9.79
N PRO A 51 -4.69 18.83 8.48
CA PRO A 51 -5.60 18.03 7.66
C PRO A 51 -5.18 16.59 7.29
N PHE A 52 -4.19 16.03 8.00
N PHE A 52 -4.12 16.03 7.92
CA PHE A 52 -3.45 14.83 7.55
CA PHE A 52 -3.44 14.77 7.49
C PHE A 52 -4.06 13.58 8.22
C PHE A 52 -4.11 13.56 8.14
N GLY A 53 -5.18 13.77 8.92
CA GLY A 53 -5.92 12.67 9.57
C GLY A 53 -6.33 11.60 8.56
N GLY A 54 -6.17 10.34 8.91
CA GLY A 54 -6.60 9.16 8.16
C GLY A 54 -5.47 8.16 7.92
N ILE A 55 -5.73 7.20 7.04
CA ILE A 55 -4.78 6.18 6.55
C ILE A 55 -4.22 6.76 5.25
N HIS A 56 -2.90 6.94 5.19
CA HIS A 56 -2.21 7.42 3.98
C HIS A 56 -1.24 6.36 3.47
N HIS A 57 -1.16 6.30 2.14
CA HIS A 57 -0.32 5.36 1.36
C HIS A 57 0.62 6.20 0.49
N VAL A 58 1.91 5.89 0.52
CA VAL A 58 2.87 6.59 -0.37
C VAL A 58 3.16 5.74 -1.61
N TYR A 59 3.16 6.39 -2.78
CA TYR A 59 3.45 5.79 -4.09
C TYR A 59 4.64 6.52 -4.72
N ALA A 60 5.41 5.79 -5.53
CA ALA A 60 6.62 6.29 -6.23
C ALA A 60 6.63 5.71 -7.63
N ASN A 61 6.72 6.58 -8.63
CA ASN A 61 7.02 6.10 -10.01
C ASN A 61 8.49 5.65 -10.05
N ALA A 62 8.85 4.97 -11.15
CA ALA A 62 10.19 4.45 -11.49
C ALA A 62 11.28 5.47 -11.17
N GLU A 63 11.13 6.70 -11.64
CA GLU A 63 12.14 7.76 -11.39
C GLU A 63 12.25 8.02 -9.89
N ALA A 64 11.12 8.07 -9.18
CA ALA A 64 11.08 8.32 -7.72
C ALA A 64 11.79 7.18 -6.97
N ILE A 65 11.58 5.94 -7.41
CA ILE A 65 12.21 4.73 -6.82
C ILE A 65 13.73 4.93 -6.90
N GLN A 66 14.27 5.32 -8.06
CA GLN A 66 15.73 5.60 -8.16
C GLN A 66 16.17 6.51 -7.00
N GLY A 67 15.48 7.61 -6.75
CA GLY A 67 15.88 8.58 -5.69
C GLY A 67 15.68 8.04 -4.28
N LEU A 68 14.64 7.25 -4.07
CA LEU A 68 14.38 6.68 -2.73
C LEU A 68 15.50 5.67 -2.40
N ARG A 69 16.03 4.93 -3.37
N ARG A 69 15.95 4.93 -3.41
CA ARG A 69 17.03 3.86 -3.11
CA ARG A 69 17.02 3.89 -3.35
C ARG A 69 18.36 4.44 -2.61
C ARG A 69 18.37 4.51 -2.98
N GLY A 70 18.53 5.77 -2.57
N GLY A 70 18.69 5.72 -3.49
CA GLY A 70 19.82 6.43 -2.32
CA GLY A 70 20.07 6.27 -3.47
C GLY A 70 20.49 6.81 -3.63
C GLY A 70 20.24 7.80 -3.58
N GLY A 71 19.89 6.46 -4.78
N GLY A 71 19.21 8.63 -3.34
CA GLY A 71 20.19 7.07 -6.10
CA GLY A 71 19.40 10.07 -3.08
C GLY A 71 19.78 8.55 -6.09
C GLY A 71 19.42 10.93 -4.34
N ASN A 72 19.87 9.22 -7.23
N ASN A 72 19.41 10.32 -5.53
CA ASN A 72 19.41 10.65 -7.32
CA ASN A 72 19.39 11.08 -6.81
C ASN A 72 18.03 10.69 -7.95
C ASN A 72 18.10 10.75 -7.60
N TYR A 73 17.30 11.81 -7.76
CA TYR A 73 15.91 11.92 -8.28
C TYR A 73 15.99 12.56 -9.67
N PRO A 74 15.67 11.82 -10.75
CA PRO A 74 15.57 12.42 -12.06
C PRO A 74 14.35 13.35 -12.13
N ASP A 75 14.47 14.41 -12.90
CA ASP A 75 13.31 15.23 -13.31
C ASP A 75 12.24 14.25 -13.79
N GLY A 76 11.00 14.41 -13.34
CA GLY A 76 9.89 13.51 -13.72
C GLY A 76 9.62 12.46 -12.65
N ALA A 77 10.49 12.33 -11.64
CA ALA A 77 10.20 11.59 -10.39
C ALA A 77 8.90 12.18 -9.80
N VAL A 78 7.96 11.32 -9.45
CA VAL A 78 6.70 11.76 -8.78
C VAL A 78 6.51 10.86 -7.58
N LEU A 79 6.40 11.47 -6.40
CA LEU A 79 5.83 10.89 -5.14
C LEU A 79 4.37 11.35 -4.95
N VAL A 80 3.49 10.43 -4.58
CA VAL A 80 2.08 10.72 -4.20
C VAL A 80 1.82 10.18 -2.80
N VAL A 81 1.21 11.00 -1.96
CA VAL A 81 0.61 10.56 -0.67
C VAL A 81 -0.91 10.56 -0.84
N ASP A 82 -1.49 9.39 -0.65
CA ASP A 82 -2.89 9.06 -0.96
C ASP A 82 -3.60 8.95 0.38
N LEU A 83 -4.41 9.95 0.74
CA LEU A 83 -5.00 10.05 2.10
C LEU A 83 -6.47 9.65 2.08
N PHE A 84 -6.78 8.60 2.84
CA PHE A 84 -8.13 8.05 3.04
C PHE A 84 -8.65 8.39 4.43
N ASP A 85 -9.94 8.72 4.47
CA ASP A 85 -10.77 8.62 5.68
C ASP A 85 -10.78 7.14 6.09
N TYR A 86 -10.93 6.84 7.39
CA TYR A 86 -11.18 5.43 7.82
C TYR A 86 -12.39 5.41 8.76
N GLN A 87 -12.95 4.23 8.96
CA GLN A 87 -14.02 3.96 9.93
C GLN A 87 -13.50 2.88 10.85
N GLU A 88 -13.87 2.97 12.12
CA GLU A 88 -13.71 1.91 13.14
C GLU A 88 -14.81 0.88 12.86
N ASP A 89 -14.46 -0.38 12.87
CA ASP A 89 -15.34 -1.50 12.49
C ASP A 89 -14.88 -2.72 13.29
N ASN A 90 -15.23 -2.71 14.57
CA ASN A 90 -15.03 -3.82 15.54
C ASN A 90 -13.55 -4.18 15.64
N HIS A 91 -12.73 -3.21 16.03
CA HIS A 91 -11.27 -3.31 16.23
C HIS A 91 -10.60 -3.55 14.86
N ALA A 92 -11.17 -3.00 13.80
CA ALA A 92 -10.52 -2.83 12.48
C ALA A 92 -10.61 -1.35 12.09
N LEU A 93 -9.55 -0.77 11.54
CA LEU A 93 -9.66 0.53 10.82
C LEU A 93 -9.83 0.17 9.34
N VAL A 94 -10.95 0.53 8.74
CA VAL A 94 -11.32 0.17 7.34
CA VAL A 94 -11.28 0.16 7.34
C VAL A 94 -11.24 1.45 6.52
N GLU A 95 -10.61 1.39 5.35
CA GLU A 95 -10.46 2.54 4.44
C GLU A 95 -11.87 2.97 4.04
N GLY A 96 -12.14 4.26 4.10
CA GLY A 96 -13.39 4.84 3.57
C GLY A 96 -13.11 5.62 2.30
N LYS A 97 -13.58 6.85 2.23
CA LYS A 97 -13.45 7.71 1.03
C LYS A 97 -12.03 8.29 0.99
N ARG A 98 -11.48 8.47 -0.20
CA ARG A 98 -10.30 9.30 -0.43
C ARG A 98 -10.60 10.76 -0.08
N LYS A 99 -9.78 11.40 0.77
CA LYS A 99 -9.88 12.84 1.13
C LYS A 99 -9.10 13.69 0.14
N LEU A 100 -7.88 13.29 -0.18
CA LEU A 100 -6.99 14.07 -1.07
C LEU A 100 -5.75 13.22 -1.42
N ILE A 101 -4.98 13.71 -2.37
CA ILE A 101 -3.60 13.22 -2.64
C ILE A 101 -2.74 14.46 -2.58
N GLY A 102 -1.53 14.27 -2.06
CA GLY A 102 -0.42 15.20 -2.18
C GLY A 102 0.50 14.66 -3.24
N VAL A 103 1.16 15.55 -3.97
CA VAL A 103 1.99 15.19 -5.16
C VAL A 103 3.25 16.02 -5.08
N MET A 104 4.42 15.35 -5.19
CA MET A 104 5.74 16.01 -5.36
C MET A 104 6.27 15.60 -6.73
N GLU A 105 6.57 16.57 -7.58
CA GLU A 105 7.03 16.33 -8.98
C GLU A 105 8.41 16.99 -9.10
N ARG A 106 9.39 16.18 -9.50
CA ARG A 106 10.82 16.58 -9.52
C ARG A 106 11.06 17.38 -10.80
N ASP A 107 11.50 18.63 -10.64
CA ASP A 107 12.06 19.45 -11.74
C ASP A 107 13.00 20.49 -11.12
N ALA A 108 14.30 20.21 -11.15
CA ALA A 108 15.34 20.88 -10.32
C ALA A 108 15.31 22.38 -10.63
N LYS A 109 15.13 22.72 -11.91
CA LYS A 109 15.15 24.13 -12.42
C LYS A 109 13.77 24.74 -12.24
N ARG A 110 12.72 24.13 -12.81
CA ARG A 110 11.37 24.75 -12.84
C ARG A 110 10.77 24.87 -11.44
N PHE A 111 11.07 23.96 -10.50
CA PHE A 111 10.52 24.05 -9.10
C PHE A 111 11.59 24.45 -8.09
N SER A 112 12.63 25.16 -8.55
CA SER A 112 13.83 25.57 -7.78
C SER A 112 13.47 26.46 -6.58
N ALA A 113 12.35 27.17 -6.62
CA ALA A 113 11.92 28.03 -5.50
C ALA A 113 11.48 27.17 -4.29
N THR A 114 11.12 25.90 -4.52
CA THR A 114 10.70 24.96 -3.46
C THR A 114 11.58 23.70 -3.51
N GLY A 115 12.90 23.90 -3.68
CA GLY A 115 13.96 22.87 -3.52
C GLY A 115 13.92 21.83 -4.63
N GLY A 116 13.43 22.17 -5.82
CA GLY A 116 13.44 21.31 -7.03
C GLY A 116 12.25 20.36 -7.13
N TRP A 117 11.37 20.35 -6.12
CA TRP A 117 10.09 19.58 -6.12
C TRP A 117 8.93 20.56 -6.25
N GLY A 118 8.02 20.34 -7.22
CA GLY A 118 6.69 20.98 -7.26
C GLY A 118 5.72 20.30 -6.30
N TYR A 119 5.01 21.07 -5.47
CA TYR A 119 4.04 20.58 -4.45
C TYR A 119 2.59 20.93 -4.87
N GLU A 120 1.71 19.94 -4.97
CA GLU A 120 0.28 20.15 -5.29
C GLU A 120 -0.58 19.17 -4.49
N GLY A 121 -1.79 19.58 -4.16
CA GLY A 121 -2.84 18.76 -3.55
C GLY A 121 -4.01 18.69 -4.50
N PHE A 122 -4.66 17.53 -4.61
CA PHE A 122 -5.91 17.37 -5.36
C PHE A 122 -6.97 16.85 -4.40
N GLY A 123 -8.03 17.63 -4.18
CA GLY A 123 -9.12 17.21 -3.29
C GLY A 123 -9.73 15.92 -3.82
N GLU A 124 -9.93 14.90 -2.97
CA GLU A 124 -10.53 13.61 -3.39
C GLU A 124 -9.73 13.01 -4.55
N GLY A 125 -8.48 13.41 -4.72
CA GLY A 125 -7.63 13.00 -5.84
C GLY A 125 -8.24 13.32 -7.18
N LYS A 126 -9.16 14.30 -7.26
CA LYS A 126 -9.76 14.72 -8.56
C LYS A 126 -8.82 15.69 -9.23
N PRO A 127 -8.44 15.49 -10.50
CA PRO A 127 -7.55 16.41 -11.20
C PRO A 127 -8.03 17.88 -11.23
N ASP A 128 -9.33 18.12 -11.01
CA ASP A 128 -9.97 19.46 -11.11
C ASP A 128 -9.96 20.18 -9.77
N LYS A 129 -9.54 19.54 -8.68
CA LYS A 129 -9.62 20.17 -7.34
C LYS A 129 -8.20 20.46 -6.79
N ARG A 130 -7.41 21.20 -7.54
CA ARG A 130 -6.06 21.66 -7.08
C ARG A 130 -6.21 22.50 -5.81
N LEU A 131 -5.26 22.34 -4.88
CA LEU A 131 -5.45 22.84 -3.49
C LEU A 131 -4.45 23.95 -3.15
N VAL A 132 -3.24 23.88 -3.69
CA VAL A 132 -2.13 24.77 -3.28
C VAL A 132 -2.32 26.13 -3.95
N THR A 133 -2.18 27.20 -3.16
CA THR A 133 -2.42 28.61 -3.56
C THR A 133 -1.16 29.46 -3.42
N ASP A 134 -0.10 28.94 -2.80
CA ASP A 134 1.10 29.74 -2.47
C ASP A 134 2.33 29.22 -3.22
N GLY A 135 2.16 28.55 -4.35
CA GLY A 135 3.29 27.94 -5.10
C GLY A 135 4.01 26.81 -4.34
N GLY A 136 3.45 26.35 -3.22
CA GLY A 136 3.94 25.19 -2.47
C GLY A 136 4.86 25.59 -1.34
N GLN A 137 4.93 26.88 -0.96
CA GLN A 137 5.84 27.35 0.12
C GLN A 137 5.42 26.67 1.42
N GLY A 138 4.12 26.65 1.73
CA GLY A 138 3.60 25.92 2.89
C GLY A 138 4.08 24.47 2.93
N CYS A 139 3.96 23.74 1.83
CA CYS A 139 4.33 22.32 1.78
C CYS A 139 5.84 22.23 2.08
N PHE A 140 6.58 23.07 1.36
CA PHE A 140 8.07 23.04 1.33
C PHE A 140 8.57 23.37 2.73
N GLY A 141 7.86 24.26 3.41
CA GLY A 141 8.20 24.69 4.77
C GLY A 141 8.34 23.49 5.67
N CYS A 142 7.37 22.58 5.67
CA CYS A 142 7.40 21.40 6.56
C CYS A 142 8.45 20.42 6.04
N HIS A 143 8.43 20.16 4.74
CA HIS A 143 9.33 19.20 4.05
C HIS A 143 10.81 19.65 4.13
N ALA A 144 11.09 20.93 4.38
CA ALA A 144 12.47 21.49 4.44
C ALA A 144 13.24 20.86 5.60
N ALA A 145 12.57 20.55 6.73
CA ALA A 145 13.11 19.71 7.84
C ALA A 145 13.97 18.54 7.30
N GLN A 146 13.64 18.02 6.11
CA GLN A 146 14.21 16.82 5.45
C GLN A 146 15.20 17.16 4.32
N LYS A 147 15.82 18.35 4.32
CA LYS A 147 16.84 18.74 3.30
C LYS A 147 17.81 17.56 3.11
N GLU A 148 18.34 16.99 4.21
CA GLU A 148 19.35 15.89 4.23
C GLU A 148 18.95 14.73 3.29
N SER A 149 17.67 14.45 3.05
CA SER A 149 17.21 13.35 2.17
C SER A 149 16.32 13.85 1.01
N GLN A 150 16.62 15.07 0.51
CA GLN A 150 15.99 15.72 -0.70
C GLN A 150 14.51 16.05 -0.46
N TYR A 151 14.14 16.35 0.80
CA TYR A 151 12.82 16.89 1.21
C TYR A 151 11.76 15.80 1.15
N VAL A 152 12.20 14.55 1.18
CA VAL A 152 11.34 13.34 1.26
C VAL A 152 11.44 12.77 2.68
N PHE A 153 10.29 12.52 3.33
CA PHE A 153 10.18 11.91 4.68
C PHE A 153 10.22 10.38 4.57
N SER A 154 9.48 9.81 3.61
CA SER A 154 9.35 8.34 3.38
C SER A 154 10.72 7.70 3.11
N ARG A 155 10.91 6.48 3.65
CA ARG A 155 12.10 5.59 3.45
C ARG A 155 11.62 4.27 2.86
N LEU A 156 12.24 3.80 1.79
CA LEU A 156 12.02 2.44 1.25
C LEU A 156 12.10 1.45 2.42
N ARG A 157 11.26 0.40 2.37
CA ARG A 157 11.25 -0.74 3.32
C ARG A 157 11.06 -2.05 2.52
N ASP A 158 11.18 -3.18 3.23
CA ASP A 158 11.37 -4.55 2.66
C ASP A 158 10.10 -4.99 1.94
N THR B 23 3.09 -29.30 -5.26
CA THR B 23 1.79 -28.84 -4.68
C THR B 23 2.03 -27.96 -3.45
N LYS B 24 3.22 -27.36 -3.33
CA LYS B 24 3.52 -26.18 -2.46
C LYS B 24 3.45 -24.88 -3.28
N VAL B 25 2.78 -23.88 -2.73
CA VAL B 25 2.82 -22.47 -3.22
C VAL B 25 4.26 -22.00 -3.39
N LYS B 26 4.59 -21.47 -4.57
CA LYS B 26 5.89 -20.80 -4.82
C LYS B 26 5.95 -19.53 -3.95
N TYR B 27 7.12 -19.17 -3.41
CA TYR B 27 7.27 -17.87 -2.73
C TYR B 27 7.10 -16.79 -3.80
N PRO B 28 6.23 -15.78 -3.58
CA PRO B 28 5.97 -14.76 -4.60
C PRO B 28 7.08 -13.71 -4.63
N ASP B 29 8.19 -14.05 -5.29
CA ASP B 29 9.34 -13.11 -5.41
C ASP B 29 8.89 -11.84 -6.13
N GLY B 30 9.29 -10.68 -5.62
CA GLY B 30 8.97 -9.36 -6.22
C GLY B 30 7.55 -8.88 -5.91
N PHE B 31 6.77 -9.57 -5.05
CA PHE B 31 5.35 -9.20 -4.78
C PHE B 31 5.26 -7.74 -4.37
N ARG B 32 6.31 -7.20 -3.75
CA ARG B 32 6.27 -5.85 -3.16
C ARG B 32 6.13 -4.79 -4.23
N SER B 33 6.42 -5.13 -5.49
CA SER B 33 6.36 -4.24 -6.67
CA SER B 33 6.35 -4.20 -6.64
C SER B 33 5.03 -4.44 -7.40
N TRP B 34 4.16 -5.26 -6.86
CA TRP B 34 2.86 -5.50 -7.51
C TRP B 34 1.91 -4.37 -7.16
N TYR B 35 0.76 -4.39 -7.83
CA TYR B 35 -0.41 -3.51 -7.58
C TYR B 35 -0.84 -3.67 -6.13
N HIS B 36 -0.79 -2.55 -5.41
CA HIS B 36 -1.42 -2.40 -4.07
C HIS B 36 -2.93 -2.28 -4.21
N VAL B 37 -3.64 -3.32 -3.79
CA VAL B 37 -5.11 -3.42 -3.92
C VAL B 37 -5.76 -2.58 -2.81
N LYS B 38 -5.43 -2.87 -1.57
CA LYS B 38 -6.06 -2.21 -0.38
C LYS B 38 -5.20 -2.44 0.86
N SER B 39 -5.56 -1.76 1.94
CA SER B 39 -4.96 -1.93 3.28
C SER B 39 -6.09 -1.96 4.30
N MET B 40 -5.78 -2.52 5.47
CA MET B 40 -6.66 -2.54 6.65
C MET B 40 -5.79 -2.63 7.90
N VAL B 41 -6.25 -2.04 9.00
CA VAL B 41 -5.65 -2.23 10.35
C VAL B 41 -6.57 -3.17 11.14
N ILE B 42 -6.02 -4.24 11.69
CA ILE B 42 -6.72 -5.12 12.66
C ILE B 42 -6.11 -4.84 14.04
N GLN B 43 -6.89 -4.30 14.98
CA GLN B 43 -6.34 -3.90 16.31
C GLN B 43 -6.64 -5.01 17.30
N PRO B 44 -6.00 -5.01 18.48
CA PRO B 44 -6.35 -5.95 19.53
C PRO B 44 -7.87 -5.87 19.83
N GLY B 45 -8.47 -7.04 20.05
CA GLY B 45 -9.92 -7.20 20.28
C GLY B 45 -10.61 -7.72 19.05
N HIS B 46 -10.01 -7.57 17.86
CA HIS B 46 -10.60 -8.11 16.60
C HIS B 46 -10.69 -9.62 16.75
N PRO B 47 -11.78 -10.24 16.26
CA PRO B 47 -11.88 -11.70 16.30
C PRO B 47 -10.69 -12.39 15.62
N LEU B 48 -9.99 -11.75 14.68
CA LEU B 48 -8.90 -12.40 13.90
C LEU B 48 -7.53 -11.94 14.38
N GLU B 49 -7.48 -11.28 15.54
CA GLU B 49 -6.26 -10.66 16.11
C GLU B 49 -5.10 -11.68 16.16
N ASN B 50 -5.38 -12.94 16.52
CA ASN B 50 -4.38 -14.03 16.47
C ASN B 50 -4.69 -14.81 15.21
N PRO B 51 -3.84 -14.80 14.16
CA PRO B 51 -2.64 -13.96 14.09
C PRO B 51 -2.60 -12.79 13.10
N PHE B 52 -3.76 -12.33 12.63
N PHE B 52 -3.78 -12.33 12.64
CA PHE B 52 -3.85 -11.30 11.55
CA PHE B 52 -3.98 -11.30 11.58
C PHE B 52 -3.84 -9.89 12.15
C PHE B 52 -3.79 -9.88 12.15
N GLY B 53 -3.56 -9.76 13.46
CA GLY B 53 -3.37 -8.46 14.14
C GLY B 53 -2.26 -7.66 13.47
N GLY B 54 -2.47 -6.37 13.18
CA GLY B 54 -1.44 -5.53 12.54
C GLY B 54 -2.01 -4.70 11.41
N ILE B 55 -1.13 -3.98 10.70
CA ILE B 55 -1.44 -3.27 9.43
C ILE B 55 -1.10 -4.22 8.28
N HIS B 56 -2.08 -4.47 7.38
CA HIS B 56 -1.85 -5.35 6.22
C HIS B 56 -2.17 -4.61 4.93
N HIS B 57 -1.41 -5.01 3.92
CA HIS B 57 -1.53 -4.53 2.53
C HIS B 57 -1.78 -5.75 1.64
N VAL B 58 -2.71 -5.62 0.71
CA VAL B 58 -3.02 -6.66 -0.28
C VAL B 58 -2.36 -6.23 -1.60
N TYR B 59 -1.69 -7.18 -2.23
CA TYR B 59 -0.96 -7.05 -3.49
C TYR B 59 -1.51 -8.11 -4.43
N ALA B 60 -1.68 -7.73 -5.69
CA ALA B 60 -2.15 -8.64 -6.75
C ALA B 60 -1.13 -8.60 -7.89
N ASN B 61 -0.81 -9.74 -8.48
CA ASN B 61 -0.01 -9.78 -9.74
C ASN B 61 -0.96 -9.49 -10.90
N ALA B 62 -0.41 -9.34 -12.10
CA ALA B 62 -1.15 -8.97 -13.33
C ALA B 62 -2.34 -9.89 -13.47
N GLU B 63 -2.10 -11.19 -13.31
CA GLU B 63 -3.12 -12.25 -13.48
CA GLU B 63 -3.17 -12.18 -13.55
C GLU B 63 -4.24 -12.08 -12.46
N ALA B 64 -3.89 -11.74 -11.22
CA ALA B 64 -4.91 -11.63 -10.15
C ALA B 64 -5.78 -10.39 -10.44
N ILE B 65 -5.19 -9.28 -10.94
CA ILE B 65 -5.94 -8.05 -11.32
C ILE B 65 -7.11 -8.39 -12.25
N GLN B 66 -6.91 -9.26 -13.24
CA GLN B 66 -8.01 -9.76 -14.13
C GLN B 66 -9.18 -10.26 -13.29
N GLY B 67 -8.90 -11.01 -12.23
CA GLY B 67 -9.94 -11.56 -11.34
C GLY B 67 -10.59 -10.44 -10.56
N LEU B 68 -9.78 -9.53 -10.01
CA LEU B 68 -10.30 -8.42 -9.18
C LEU B 68 -11.18 -7.49 -10.04
N ARG B 69 -10.88 -7.31 -11.34
CA ARG B 69 -11.64 -6.41 -12.25
C ARG B 69 -12.96 -7.05 -12.69
N GLY B 70 -13.23 -8.31 -12.37
CA GLY B 70 -14.48 -8.98 -12.74
C GLY B 70 -14.24 -10.13 -13.71
N GLY B 71 -13.00 -10.41 -14.10
CA GLY B 71 -12.67 -11.61 -14.90
C GLY B 71 -12.69 -12.89 -14.07
N ASN B 72 -12.45 -14.02 -14.71
CA ASN B 72 -12.14 -15.32 -14.07
C ASN B 72 -10.70 -15.22 -13.57
N TYR B 73 -10.41 -15.68 -12.35
CA TYR B 73 -9.01 -15.75 -11.84
C TYR B 73 -8.30 -16.80 -12.70
N PRO B 74 -7.26 -16.43 -13.46
CA PRO B 74 -6.52 -17.40 -14.24
C PRO B 74 -5.40 -18.08 -13.44
N ASP B 75 -5.01 -19.28 -13.88
CA ASP B 75 -3.85 -20.02 -13.33
C ASP B 75 -2.66 -19.08 -13.41
N GLY B 76 -1.94 -18.95 -12.28
CA GLY B 76 -0.79 -18.04 -12.14
C GLY B 76 -1.16 -16.73 -11.46
N ALA B 77 -2.45 -16.48 -11.21
CA ALA B 77 -2.86 -15.37 -10.33
C ALA B 77 -2.24 -15.60 -8.95
N VAL B 78 -1.63 -14.57 -8.40
CA VAL B 78 -1.17 -14.61 -6.99
C VAL B 78 -1.69 -13.36 -6.26
N LEU B 79 -2.39 -13.58 -5.14
CA LEU B 79 -2.69 -12.53 -4.12
C LEU B 79 -1.77 -12.73 -2.92
N VAL B 80 -1.23 -11.62 -2.40
CA VAL B 80 -0.37 -11.61 -1.19
C VAL B 80 -0.96 -10.64 -0.18
N VAL B 81 -1.13 -11.09 1.06
CA VAL B 81 -1.47 -10.17 2.18
C VAL B 81 -0.21 -10.05 3.03
N ASP B 82 0.24 -8.81 3.19
CA ASP B 82 1.55 -8.44 3.76
C ASP B 82 1.23 -7.81 5.11
N LEU B 83 1.54 -8.52 6.21
CA LEU B 83 1.12 -8.14 7.58
C LEU B 83 2.32 -7.66 8.40
N PHE B 84 2.22 -6.42 8.86
CA PHE B 84 3.19 -5.71 9.70
C PHE B 84 2.61 -5.52 11.11
N ASP B 85 3.51 -5.59 12.08
CA ASP B 85 3.34 -4.96 13.41
C ASP B 85 3.23 -3.47 13.21
N TYR B 86 2.68 -2.78 14.22
CA TYR B 86 2.70 -1.31 14.29
C TYR B 86 2.86 -0.91 15.75
N GLN B 87 3.32 0.31 15.98
CA GLN B 87 3.40 0.90 17.33
C GLN B 87 2.49 2.14 17.30
N GLU B 88 1.58 2.28 18.27
CA GLU B 88 0.80 3.53 18.47
C GLU B 88 1.75 4.52 19.17
N ASP B 89 2.17 5.56 18.44
CA ASP B 89 3.07 6.66 18.89
C ASP B 89 2.33 7.99 18.75
N ASN B 90 1.93 8.61 19.88
CA ASN B 90 1.27 9.94 19.93
C ASN B 90 0.29 10.05 18.75
N HIS B 91 -0.61 9.07 18.66
CA HIS B 91 -1.86 9.14 17.84
C HIS B 91 -1.51 8.88 16.37
N ALA B 92 -0.31 8.40 16.07
CA ALA B 92 0.03 7.80 14.76
C ALA B 92 0.14 6.30 14.95
N LEU B 93 -0.32 5.50 13.99
CA LEU B 93 0.02 4.07 13.96
C LEU B 93 1.11 3.94 12.91
N VAL B 94 2.27 3.46 13.34
CA VAL B 94 3.54 3.44 12.57
C VAL B 94 3.92 1.98 12.30
N GLU B 95 4.07 1.63 11.04
CA GLU B 95 4.41 0.25 10.61
C GLU B 95 5.73 -0.13 11.27
N GLY B 96 5.82 -1.33 11.82
CA GLY B 96 7.11 -1.83 12.35
C GLY B 96 7.57 -3.01 11.54
N LYS B 97 7.79 -4.12 12.22
CA LYS B 97 8.43 -5.30 11.61
C LYS B 97 7.35 -6.00 10.80
N ARG B 98 7.72 -6.57 9.67
CA ARG B 98 6.87 -7.53 8.96
C ARG B 98 6.68 -8.76 9.85
N LYS B 99 5.43 -9.13 10.13
CA LYS B 99 5.03 -10.33 10.89
C LYS B 99 5.05 -11.56 9.98
N LEU B 100 4.34 -11.50 8.87
CA LEU B 100 4.19 -12.62 7.91
C LEU B 100 3.62 -12.08 6.58
N ILE B 101 3.60 -12.92 5.54
CA ILE B 101 2.73 -12.72 4.36
C ILE B 101 1.87 -13.97 4.21
N GLY B 102 0.63 -13.76 3.78
CA GLY B 102 -0.23 -14.82 3.28
C GLY B 102 -0.23 -14.78 1.77
N VAL B 103 -0.36 -15.92 1.13
CA VAL B 103 -0.23 -16.07 -0.34
C VAL B 103 -1.36 -16.99 -0.80
N MET B 104 -2.07 -16.57 -1.84
CA MET B 104 -3.07 -17.41 -2.52
C MET B 104 -2.61 -17.50 -3.97
N GLU B 105 -2.38 -18.70 -4.46
CA GLU B 105 -1.78 -18.94 -5.79
C GLU B 105 -2.78 -19.80 -6.57
N ARG B 106 -3.20 -19.30 -7.72
CA ARG B 106 -4.32 -19.89 -8.48
C ARG B 106 -3.76 -21.01 -9.34
N ASP B 107 -4.34 -22.20 -9.22
CA ASP B 107 -4.08 -23.35 -10.11
C ASP B 107 -5.25 -24.32 -9.93
N ALA B 108 -6.21 -24.30 -10.87
CA ALA B 108 -7.52 -24.97 -10.71
C ALA B 108 -7.31 -26.48 -10.49
N LYS B 109 -6.24 -27.06 -11.05
CA LYS B 109 -5.95 -28.53 -11.00
C LYS B 109 -5.20 -28.86 -9.70
N ARG B 110 -3.99 -28.32 -9.57
CA ARG B 110 -2.99 -28.68 -8.55
C ARG B 110 -3.51 -28.29 -7.17
N PHE B 111 -4.33 -27.25 -7.07
CA PHE B 111 -4.89 -26.74 -5.78
C PHE B 111 -6.39 -27.01 -5.69
N SER B 112 -6.84 -28.06 -6.37
CA SER B 112 -8.28 -28.39 -6.56
CA SER B 112 -8.28 -28.39 -6.56
C SER B 112 -8.92 -28.73 -5.22
N ALA B 113 -8.13 -29.25 -4.26
CA ALA B 113 -8.59 -29.65 -2.92
C ALA B 113 -9.04 -28.43 -2.11
N THR B 114 -8.50 -27.24 -2.40
CA THR B 114 -8.87 -25.96 -1.74
C THR B 114 -9.44 -24.96 -2.79
N GLY B 115 -10.35 -25.43 -3.63
CA GLY B 115 -11.14 -24.61 -4.58
C GLY B 115 -10.29 -23.93 -5.62
N GLY B 116 -9.14 -24.50 -5.99
CA GLY B 116 -8.28 -23.98 -7.07
C GLY B 116 -7.28 -22.93 -6.63
N TRP B 117 -7.27 -22.53 -5.36
CA TRP B 117 -6.24 -21.64 -4.77
C TRP B 117 -5.32 -22.41 -3.82
N GLY B 118 -4.00 -22.28 -3.99
CA GLY B 118 -3.00 -22.75 -3.02
C GLY B 118 -2.77 -21.72 -1.94
N TYR B 119 -2.90 -22.11 -0.68
CA TYR B 119 -2.84 -21.23 0.52
C TYR B 119 -1.55 -21.48 1.33
N GLU B 120 -0.74 -20.44 1.51
CA GLU B 120 0.57 -20.52 2.21
C GLU B 120 0.79 -19.24 3.02
N GLY B 121 1.50 -19.36 4.14
CA GLY B 121 2.05 -18.26 4.94
C GLY B 121 3.57 -18.35 4.99
N PHE B 122 4.26 -17.22 4.91
CA PHE B 122 5.73 -17.12 5.11
C PHE B 122 5.95 -16.19 6.30
N GLY B 123 6.50 -16.74 7.39
CA GLY B 123 6.81 -15.95 8.59
C GLY B 123 7.80 -14.88 8.20
N GLU B 124 7.58 -13.64 8.67
CA GLU B 124 8.43 -12.47 8.35
C GLU B 124 8.63 -12.33 6.84
N GLY B 125 7.77 -12.93 6.02
CA GLY B 125 7.88 -12.83 4.55
C GLY B 125 9.15 -13.49 4.03
N LYS B 126 9.69 -14.49 4.75
CA LYS B 126 10.92 -15.24 4.35
C LYS B 126 10.51 -16.59 3.76
N PRO B 127 11.09 -16.98 2.59
CA PRO B 127 10.63 -18.16 1.87
C PRO B 127 10.76 -19.48 2.67
N ASP B 128 11.63 -19.49 3.67
CA ASP B 128 12.01 -20.68 4.49
C ASP B 128 11.13 -20.79 5.73
N LYS B 129 10.12 -19.94 5.92
CA LYS B 129 9.30 -19.94 7.17
C LYS B 129 7.84 -20.20 6.81
N ARG B 130 7.58 -21.32 6.16
CA ARG B 130 6.22 -21.77 5.77
C ARG B 130 5.37 -21.98 7.04
N LEU B 131 4.18 -21.36 7.05
CA LEU B 131 3.28 -21.31 8.24
C LEU B 131 2.17 -22.36 8.13
N VAL B 132 1.88 -22.84 6.92
CA VAL B 132 0.65 -23.65 6.65
C VAL B 132 1.01 -25.13 6.82
N THR B 133 0.25 -25.86 7.64
CA THR B 133 0.64 -27.22 8.08
C THR B 133 -0.46 -28.23 7.79
N ASP B 134 -1.60 -27.79 7.23
CA ASP B 134 -2.79 -28.61 6.91
C ASP B 134 -3.12 -28.55 5.41
N GLY B 135 -2.13 -28.39 4.51
CA GLY B 135 -2.31 -28.20 3.05
C GLY B 135 -3.31 -27.08 2.69
N GLY B 136 -3.71 -26.27 3.66
CA GLY B 136 -4.43 -25.00 3.44
C GLY B 136 -5.90 -25.09 3.78
N GLN B 137 -6.36 -26.21 4.34
CA GLN B 137 -7.79 -26.46 4.65
C GLN B 137 -8.33 -25.37 5.57
N GLY B 138 -7.57 -24.96 6.59
CA GLY B 138 -8.06 -23.94 7.54
C GLY B 138 -8.21 -22.57 6.88
N CYS B 139 -7.22 -22.16 6.09
CA CYS B 139 -7.29 -20.95 5.25
C CYS B 139 -8.57 -20.97 4.39
N PHE B 140 -8.75 -22.08 3.66
CA PHE B 140 -9.84 -22.37 2.70
C PHE B 140 -11.18 -22.34 3.45
N GLY B 141 -11.21 -22.85 4.69
CA GLY B 141 -12.42 -22.93 5.52
C GLY B 141 -13.08 -21.57 5.69
N CYS B 142 -12.29 -20.53 5.93
CA CYS B 142 -12.78 -19.13 6.06
C CYS B 142 -12.98 -18.54 4.65
N HIS B 143 -12.00 -18.66 3.76
CA HIS B 143 -12.05 -18.03 2.40
C HIS B 143 -13.22 -18.60 1.59
N ALA B 144 -13.67 -19.82 1.92
CA ALA B 144 -14.88 -20.50 1.36
C ALA B 144 -16.11 -19.59 1.42
N ALA B 145 -16.22 -18.74 2.44
CA ALA B 145 -17.36 -17.82 2.65
C ALA B 145 -17.53 -16.89 1.43
N GLN B 146 -16.46 -16.70 0.65
CA GLN B 146 -16.40 -15.77 -0.53
C GLN B 146 -16.39 -16.58 -1.83
N LYS B 147 -16.94 -17.80 -1.83
CA LYS B 147 -16.96 -18.67 -3.04
C LYS B 147 -17.46 -17.86 -4.23
N GLU B 148 -18.50 -17.02 -4.02
CA GLU B 148 -19.19 -16.24 -5.10
C GLU B 148 -18.26 -15.15 -5.64
N SER B 149 -17.23 -14.74 -4.90
CA SER B 149 -16.24 -13.78 -5.45
C SER B 149 -14.92 -14.51 -5.64
N GLN B 150 -15.02 -15.82 -5.93
CA GLN B 150 -13.89 -16.74 -6.25
C GLN B 150 -12.89 -16.78 -5.07
N TYR B 151 -13.39 -16.71 -3.82
CA TYR B 151 -12.64 -16.98 -2.55
C TYR B 151 -11.79 -15.78 -2.12
N VAL B 152 -12.02 -14.61 -2.72
CA VAL B 152 -11.23 -13.37 -2.47
C VAL B 152 -12.14 -12.35 -1.79
N PHE B 153 -11.72 -11.90 -0.61
CA PHE B 153 -12.41 -10.87 0.20
C PHE B 153 -12.11 -9.50 -0.40
N SER B 154 -10.85 -9.20 -0.75
CA SER B 154 -10.46 -7.83 -1.14
C SER B 154 -11.28 -7.37 -2.36
N ARG B 155 -11.65 -6.09 -2.43
CA ARG B 155 -12.31 -5.49 -3.62
C ARG B 155 -11.39 -4.40 -4.15
N LEU B 156 -11.18 -4.41 -5.46
CA LEU B 156 -10.61 -3.27 -6.21
C LEU B 156 -11.36 -2.01 -5.82
N ARG B 157 -10.60 -0.94 -5.58
CA ARG B 157 -11.07 0.46 -5.41
C ARG B 157 -10.14 1.33 -6.24
N ASP B 158 -10.55 2.57 -6.51
CA ASP B 158 -9.61 3.65 -6.88
C ASP B 158 -8.74 3.89 -5.65
ZN ZN C . -14.67 -4.98 21.50
FE HEC D . 3.82 16.24 3.04
CHA HEC D . 4.78 12.93 3.02
CHB HEC D . 3.30 16.15 -0.35
CHC HEC D . 2.52 19.40 3.26
CHD HEC D . 4.74 16.39 6.32
NA HEC D . 3.97 14.77 1.58
C1A HEC D . 4.45 13.52 1.73
C2A HEC D . 4.52 12.74 0.50
C3A HEC D . 4.09 13.70 -0.51
C4A HEC D . 3.82 14.91 0.27
CMA HEC D . 3.97 13.46 -1.99
CAA HEC D . 5.01 11.34 0.30
CBA HEC D . 6.52 11.63 0.06
CGA HEC D . 7.36 11.91 1.34
O1A HEC D . 7.35 11.01 2.22
O2A HEC D . 8.03 12.99 1.52
NB HEC D . 3.07 17.56 1.66
C1B HEC D . 2.87 17.36 0.35
C2B HEC D . 2.21 18.50 -0.35
C3B HEC D . 1.96 19.44 0.76
C4B HEC D . 2.52 18.76 1.95
CMB HEC D . 1.89 18.59 -1.78
CAB HEC D . 1.30 20.80 0.68
CBB HEC D . -0.15 20.70 0.24
NC HEC D . 3.65 17.60 4.53
C1C HEC D . 3.15 18.87 4.45
C2C HEC D . 3.22 19.69 5.66
C3C HEC D . 3.83 18.75 6.59
C4C HEC D . 4.12 17.55 5.75
CMC HEC D . 2.68 21.06 5.84
CAC HEC D . 4.30 18.99 8.01
CBC HEC D . 3.42 19.77 8.97
ND HEC D . 4.58 14.90 4.42
C1D HEC D . 4.89 15.12 5.71
C2D HEC D . 5.35 13.98 6.49
C3D HEC D . 5.36 12.92 5.49
C4D HEC D . 4.86 13.62 4.28
CMD HEC D . 5.76 13.90 7.90
CAD HEC D . 5.75 11.48 5.71
CBD HEC D . 4.48 10.64 5.96
CGD HEC D . 4.85 9.16 6.15
O1D HEC D . 4.07 8.16 6.07
O2D HEC D . 6.03 8.93 6.41
C CMO E . 2.05 15.67 3.36
O CMO E . 1.06 15.11 3.40
FE HEC F . -7.13 -14.72 4.48
CHA HEC F . -7.38 -11.73 2.85
CHB HEC F . -4.47 -15.58 2.47
CHC HEC F . -6.67 -17.53 6.36
CHD HEC F . -9.95 -14.02 6.28
NA HEC F . -6.09 -13.81 2.94
C1A HEC F . -6.36 -12.63 2.36
C2A HEC F . -5.48 -12.29 1.23
C3A HEC F . -4.64 -13.44 1.09
C4A HEC F . -5.11 -14.29 2.19
CMA HEC F . -3.53 -13.70 0.08
CAA HEC F . -5.58 -11.08 0.36
CBA HEC F . -6.63 -11.57 -0.68
CGA HEC F . -8.10 -11.53 -0.28
O1A HEC F . -8.60 -10.43 0.07
O2A HEC F . -8.79 -12.60 -0.23
NB HEC F . -5.78 -16.25 4.43
C1B HEC F . -4.76 -16.45 3.59
C2B HEC F . -3.97 -17.66 3.88
C3B HEC F . -4.67 -18.19 5.03
C4B HEC F . -5.74 -17.27 5.29
CMB HEC F . -2.75 -18.19 3.18
CAB HEC F . -4.33 -19.41 5.85
CBB HEC F . -3.04 -19.25 6.57
NC HEC F . -8.17 -15.63 6.05
C1C HEC F . -7.86 -16.78 6.67
C2C HEC F . -8.81 -17.24 7.71
C3C HEC F . -9.81 -16.16 7.67
C4C HEC F . -9.31 -15.27 6.60
CMC HEC F . -8.74 -18.45 8.59
CAC HEC F . -11.12 -16.06 8.41
CBC HEC F . -11.35 -16.50 9.83
ND HEC F . -8.42 -13.13 4.58
C1D HEC F . -9.47 -12.97 5.39
C2D HEC F . -10.17 -11.68 5.26
C3D HEC F . -9.36 -11.00 4.26
C4D HEC F . -8.34 -11.99 3.92
CMD HEC F . -11.37 -11.18 5.99
CAD HEC F . -9.56 -9.64 3.64
CBD HEC F . -8.78 -8.59 4.38
CGD HEC F . -8.98 -7.24 3.77
O1D HEC F . -8.09 -6.34 3.83
O2D HEC F . -10.11 -7.05 3.28
C1 GOL G . -9.01 9.49 -7.62
O1 GOL G . -10.02 10.17 -8.34
C2 GOL G . -8.60 8.26 -8.39
O2 GOL G . -9.13 8.38 -9.71
C3 GOL G . -7.11 8.02 -8.46
O3 GOL G . -6.71 7.56 -9.74
C1 GOL H . 10.34 -10.42 -2.20
O1 GOL H . 10.83 -10.83 -3.49
C2 GOL H . 10.05 -8.92 -2.15
O2 GOL H . 9.07 -8.56 -3.15
C3 GOL H . 9.60 -8.46 -0.77
O3 GOL H . 10.56 -8.67 0.26
ZN ZN I . -4.26 7.32 19.47
C CMO J . -5.84 -13.89 5.59
O CMO J . -5.09 -13.36 6.23
#